data_6ISC
#
_entry.id   6ISC
#
_cell.length_a   50.220
_cell.length_b   78.303
_cell.length_c   184.600
_cell.angle_alpha   90.00
_cell.angle_beta   90.00
_cell.angle_gamma   90.00
#
_symmetry.space_group_name_H-M   'C 2 2 21'
#
loop_
_entity.id
_entity.type
_entity.pdbx_description
1 polymer 'CD226 antigen'
2 polymer 'Poliovirus receptor'
3 non-polymer 2-acetamido-2-deoxy-beta-D-glucopyranose
4 water water
#
loop_
_entity_poly.entity_id
_entity_poly.type
_entity_poly.pdbx_seq_one_letter_code
_entity_poly.pdbx_strand_id
1 'polypeptide(L)'
;TLWDTTVRLSETMTLECVYPLTHNLTQVEWTKNTGTKTVSIAVYNPNHNMHIESNYLHRVHFLNSTVGFRNMSLSFYNAS
EADIGIYSCLFHAFPNGPWEKKIKVVWSDSFEIAAPSDSYLSAEPGQDVTLTCQLPRTWPVQQVIWEKVQPHQVDILASC
NLSQETRYTSKYLRQTRSNCSQGSMKSILIIPNAMAADSGLYRCRSEAITGKNKSFVIRLIIT
;
A
2 'polypeptide(L)'
;DVVVQAPTQVPGFLGDSVTLPCYLQVPNMEVTHVSQLTWARHGESGSMAVFHQTQGPSYSESKRLEFVAARLGAELRNAS
LRMFGLRVEDEGNYTCLFVTFPQGSRSVDIWLRVLAKP
;
B
#
loop_
_chem_comp.id
_chem_comp.type
_chem_comp.name
_chem_comp.formula
NAG D-saccharide, beta linking 2-acetamido-2-deoxy-beta-D-glucopyranose 'C8 H15 N O6'
#
# COMPACT_ATOMS: atom_id res chain seq x y z
N LEU A 2 3.09 -7.03 -6.08
CA LEU A 2 3.13 -5.90 -7.01
C LEU A 2 1.78 -5.21 -7.13
N TRP A 3 0.72 -5.96 -6.88
CA TRP A 3 -0.63 -5.40 -6.88
C TRP A 3 -1.47 -6.11 -5.83
N ASP A 4 -2.45 -5.39 -5.30
CA ASP A 4 -3.38 -5.94 -4.31
C ASP A 4 -4.72 -6.31 -4.92
N THR A 5 -5.11 -5.68 -6.03
CA THR A 5 -6.36 -5.93 -6.71
C THR A 5 -6.15 -5.81 -8.21
N THR A 6 -6.73 -6.72 -8.96
CA THR A 6 -6.77 -6.64 -10.42
C THR A 6 -8.21 -6.41 -10.85
N VAL A 7 -8.44 -5.35 -11.62
CA VAL A 7 -9.79 -5.05 -12.10
C VAL A 7 -9.79 -5.11 -13.62
N ARG A 8 -10.92 -5.53 -14.16
CA ARG A 8 -11.08 -5.65 -15.60
C ARG A 8 -11.38 -4.27 -16.20
N LEU A 9 -10.69 -3.94 -17.29
CA LEU A 9 -10.92 -2.68 -17.97
C LEU A 9 -12.33 -2.63 -18.54
N SER A 10 -13.07 -1.58 -18.18
CA SER A 10 -14.39 -1.34 -18.73
C SER A 10 -14.64 0.17 -18.79
N GLU A 11 -15.70 0.56 -19.50
CA GLU A 11 -15.95 1.98 -19.75
C GLU A 11 -16.09 2.76 -18.45
N THR A 12 -16.94 2.30 -17.55
CA THR A 12 -17.20 2.99 -16.29
C THR A 12 -16.66 2.20 -15.09
N MET A 13 -15.47 1.62 -15.26
CA MET A 13 -14.87 0.84 -14.19
C MET A 13 -14.60 1.71 -12.96
N THR A 14 -14.55 1.07 -11.80
CA THR A 14 -14.29 1.74 -10.53
C THR A 14 -13.14 1.04 -9.84
N LEU A 15 -12.11 1.80 -9.48
CA LEU A 15 -10.98 1.28 -8.72
C LEU A 15 -11.29 1.49 -7.24
N GLU A 16 -11.71 0.43 -6.56
CA GLU A 16 -12.15 0.54 -5.18
C GLU A 16 -10.97 0.81 -4.25
N CYS A 17 -11.16 1.77 -3.34
CA CYS A 17 -10.13 2.05 -2.33
C CYS A 17 -10.81 2.72 -1.14
N VAL A 18 -10.90 1.99 -0.02
CA VAL A 18 -11.47 2.50 1.22
C VAL A 18 -10.41 2.40 2.30
N TYR A 19 -10.16 3.51 2.98
CA TYR A 19 -9.21 3.53 4.09
C TYR A 19 -9.79 2.75 5.27
N PRO A 20 -9.12 1.70 5.73
CA PRO A 20 -9.69 0.83 6.79
C PRO A 20 -9.26 1.17 8.22
N LEU A 21 -8.40 2.17 8.42
CA LEU A 21 -7.89 2.51 9.74
C LEU A 21 -8.65 3.69 10.32
N THR A 22 -8.57 3.82 11.65
CA THR A 22 -9.31 4.85 12.37
C THR A 22 -8.58 6.18 12.44
N HIS A 23 -7.32 6.24 11.99
CA HIS A 23 -6.58 7.50 12.05
C HIS A 23 -7.21 8.53 11.11
N ASN A 24 -7.14 9.79 11.53
CA ASN A 24 -7.68 10.87 10.71
C ASN A 24 -6.77 11.13 9.52
N LEU A 25 -7.38 11.29 8.35
CA LEU A 25 -6.61 11.42 7.13
C LEU A 25 -5.85 12.74 7.10
N THR A 26 -4.65 12.69 6.53
CA THR A 26 -3.87 13.90 6.23
C THR A 26 -3.95 14.29 4.76
N GLN A 27 -3.86 13.31 3.86
CA GLN A 27 -3.91 13.54 2.43
C GLN A 27 -4.05 12.19 1.74
N VAL A 28 -4.80 12.19 0.63
CA VAL A 28 -4.99 11.01 -0.21
C VAL A 28 -4.58 11.35 -1.63
N GLU A 29 -3.95 10.40 -2.32
CA GLU A 29 -3.44 10.62 -3.66
C GLU A 29 -3.71 9.40 -4.52
N TRP A 30 -4.05 9.64 -5.79
CA TRP A 30 -4.12 8.59 -6.80
C TRP A 30 -3.00 8.84 -7.82
N THR A 31 -2.24 7.79 -8.12
CA THR A 31 -1.18 7.87 -9.11
C THR A 31 -1.24 6.62 -10.00
N LYS A 32 -0.51 6.68 -11.10
CA LYS A 32 -0.47 5.59 -12.07
C LYS A 32 0.96 5.43 -12.56
N ASN A 33 1.45 4.19 -12.55
CA ASN A 33 2.80 3.88 -13.00
C ASN A 33 2.74 3.43 -14.45
N THR A 34 3.50 4.11 -15.33
CA THR A 34 3.37 3.80 -16.76
C THR A 34 4.24 2.59 -17.13
N GLY A 35 5.56 2.75 -17.13
CA GLY A 35 6.45 1.61 -17.02
C GLY A 35 7.46 1.76 -15.90
N THR A 36 8.03 2.96 -15.78
CA THR A 36 8.70 3.41 -14.56
C THR A 36 8.63 4.94 -14.57
N LYS A 37 7.54 5.47 -14.01
CA LYS A 37 7.28 6.89 -13.83
C LYS A 37 5.91 7.00 -13.19
N THR A 38 5.65 8.14 -12.56
CA THR A 38 4.43 8.32 -11.77
C THR A 38 3.67 9.53 -12.29
N VAL A 39 2.49 9.28 -12.85
CA VAL A 39 1.57 10.34 -13.23
C VAL A 39 0.63 10.60 -12.05
N SER A 40 0.52 11.86 -11.66
CA SER A 40 -0.45 12.25 -10.65
C SER A 40 -1.83 12.30 -11.28
N ILE A 41 -2.82 11.72 -10.60
CA ILE A 41 -4.19 11.69 -11.08
C ILE A 41 -5.06 12.63 -10.25
N ALA A 42 -5.08 12.42 -8.93
CA ALA A 42 -5.88 13.24 -8.04
C ALA A 42 -5.16 13.35 -6.70
N VAL A 43 -5.38 14.46 -6.02
CA VAL A 43 -4.84 14.71 -4.68
C VAL A 43 -5.93 15.39 -3.87
N TYR A 44 -6.26 14.83 -2.72
CA TYR A 44 -7.23 15.43 -1.81
C TYR A 44 -6.57 15.74 -0.47
N ASN A 45 -6.75 16.95 0.01
CA ASN A 45 -6.27 17.36 1.31
C ASN A 45 -7.38 18.12 2.01
N PRO A 46 -7.65 17.83 3.29
CA PRO A 46 -8.78 18.49 3.97
C PRO A 46 -8.63 20.00 4.08
N ASN A 47 -7.42 20.54 3.88
CA ASN A 47 -7.21 21.98 3.96
C ASN A 47 -7.40 22.68 2.62
N HIS A 48 -7.70 21.94 1.55
CA HIS A 48 -7.85 22.50 0.23
C HIS A 48 -9.02 21.81 -0.47
N ASN A 49 -9.32 22.27 -1.68
CA ASN A 49 -10.33 21.63 -2.51
C ASN A 49 -9.73 20.43 -3.24
N MET A 50 -10.61 19.50 -3.64
CA MET A 50 -10.17 18.32 -4.36
C MET A 50 -9.44 18.69 -5.63
N HIS A 51 -8.20 18.22 -5.77
CA HIS A 51 -7.35 18.54 -6.91
C HIS A 51 -7.29 17.35 -7.85
N ILE A 52 -7.76 17.53 -9.08
CA ILE A 52 -7.65 16.54 -10.14
C ILE A 52 -6.81 17.15 -11.25
N GLU A 53 -5.78 16.43 -11.68
CA GLU A 53 -4.90 16.94 -12.73
C GLU A 53 -5.68 17.18 -14.02
N SER A 54 -5.19 18.13 -14.82
CA SER A 54 -5.87 18.51 -16.05
C SER A 54 -5.97 17.34 -17.02
N ASN A 55 -5.00 16.42 -16.98
CA ASN A 55 -5.05 15.26 -17.87
C ASN A 55 -6.18 14.31 -17.51
N TYR A 56 -6.72 14.39 -16.30
CA TYR A 56 -7.77 13.49 -15.84
C TYR A 56 -9.03 14.23 -15.40
N LEU A 57 -9.16 15.52 -15.73
CA LEU A 57 -10.27 16.32 -15.19
C LEU A 57 -11.61 15.80 -15.69
N HIS A 58 -11.71 15.42 -16.96
CA HIS A 58 -12.95 14.90 -17.51
C HIS A 58 -12.89 13.41 -17.77
N ARG A 59 -11.98 12.69 -17.11
CA ARG A 59 -11.83 11.26 -17.30
C ARG A 59 -12.21 10.43 -16.08
N VAL A 60 -12.02 10.97 -14.87
CA VAL A 60 -12.30 10.24 -13.64
C VAL A 60 -13.08 11.14 -12.70
N HIS A 61 -13.80 10.51 -11.77
CA HIS A 61 -14.55 11.23 -10.75
C HIS A 61 -14.78 10.28 -9.58
N PHE A 62 -15.19 10.86 -8.45
CA PHE A 62 -15.41 10.12 -7.22
C PHE A 62 -16.91 10.01 -6.96
N LEU A 63 -17.44 8.80 -7.09
CA LEU A 63 -18.88 8.55 -6.99
C LEU A 63 -19.32 8.07 -5.61
N ASN A 64 -18.49 7.31 -4.90
CA ASN A 64 -18.89 6.62 -3.68
C ASN A 64 -18.24 7.23 -2.44
N SER A 65 -18.04 8.53 -2.44
CA SER A 65 -17.38 9.22 -1.33
C SER A 65 -18.40 10.05 -0.55
N THR A 66 -18.06 10.31 0.71
CA THR A 66 -18.78 11.28 1.53
C THR A 66 -17.77 12.19 2.20
N VAL A 67 -18.22 13.03 3.14
CA VAL A 67 -17.29 13.95 3.79
C VAL A 67 -16.21 13.17 4.52
N GLY A 68 -14.97 13.68 4.46
CA GLY A 68 -13.81 12.99 4.97
C GLY A 68 -13.09 12.15 3.93
N PHE A 69 -13.82 11.65 2.93
CA PHE A 69 -13.25 10.89 1.82
C PHE A 69 -12.50 9.63 2.31
N ARG A 70 -13.15 8.90 3.22
CA ARG A 70 -12.63 7.59 3.57
C ARG A 70 -12.70 6.64 2.38
N ASN A 71 -13.76 6.72 1.59
CA ASN A 71 -13.87 5.99 0.33
C ASN A 71 -13.37 6.89 -0.79
N MET A 72 -12.22 6.54 -1.36
CA MET A 72 -11.63 7.28 -2.46
C MET A 72 -11.64 6.49 -3.76
N SER A 73 -12.67 5.66 -3.95
CA SER A 73 -12.76 4.84 -5.15
C SER A 73 -12.79 5.72 -6.39
N LEU A 74 -12.01 5.32 -7.39
CA LEU A 74 -11.80 6.11 -8.60
C LEU A 74 -12.65 5.53 -9.72
N SER A 75 -13.70 6.24 -10.09
CA SER A 75 -14.59 5.83 -11.17
C SER A 75 -14.21 6.55 -12.46
N PHE A 76 -14.30 5.83 -13.57
CA PHE A 76 -13.96 6.37 -14.88
C PHE A 76 -15.22 6.69 -15.67
N TYR A 77 -15.20 7.81 -16.39
CA TYR A 77 -16.32 8.14 -17.26
C TYR A 77 -16.33 7.27 -18.51
N ASN A 78 -15.19 7.19 -19.20
CA ASN A 78 -15.08 6.37 -20.41
C ASN A 78 -13.61 5.91 -20.50
N ALA A 79 -13.34 4.73 -19.94
CA ALA A 79 -11.97 4.25 -19.83
C ALA A 79 -11.51 3.57 -21.11
N SER A 80 -10.29 3.87 -21.52
CA SER A 80 -9.74 3.41 -22.79
C SER A 80 -8.51 2.52 -22.54
N GLU A 81 -7.84 2.16 -23.64
CA GLU A 81 -6.64 1.35 -23.57
C GLU A 81 -5.55 2.05 -22.77
N ALA A 82 -5.49 3.38 -22.85
CA ALA A 82 -4.47 4.14 -22.15
C ALA A 82 -4.59 4.08 -20.64
N ASP A 83 -5.72 3.61 -20.12
CA ASP A 83 -5.95 3.49 -18.69
C ASP A 83 -5.50 2.14 -18.13
N ILE A 84 -4.93 1.27 -18.96
CA ILE A 84 -4.36 0.03 -18.48
C ILE A 84 -3.04 0.32 -17.78
N GLY A 85 -2.86 -0.26 -16.60
CA GLY A 85 -1.66 -0.04 -15.83
C GLY A 85 -1.92 -0.33 -14.36
N ILE A 86 -0.89 -0.05 -13.55
CA ILE A 86 -0.94 -0.27 -12.12
C ILE A 86 -1.16 1.07 -11.43
N TYR A 87 -2.25 1.20 -10.70
CA TYR A 87 -2.63 2.41 -9.99
C TYR A 87 -2.24 2.32 -8.52
N SER A 88 -2.03 3.48 -7.91
CA SER A 88 -1.66 3.57 -6.51
C SER A 88 -2.62 4.49 -5.78
N CYS A 89 -3.33 3.95 -4.79
CA CYS A 89 -4.20 4.71 -3.89
C CYS A 89 -3.49 4.84 -2.55
N LEU A 90 -2.98 6.03 -2.25
CA LEU A 90 -2.10 6.24 -1.11
C LEU A 90 -2.75 7.19 -0.11
N PHE A 91 -3.16 6.65 1.04
CA PHE A 91 -3.65 7.45 2.15
C PHE A 91 -2.50 7.81 3.07
N HIS A 92 -2.52 9.04 3.58
CA HIS A 92 -1.56 9.50 4.58
C HIS A 92 -2.33 9.91 5.83
N ALA A 93 -1.80 9.53 6.99
CA ALA A 93 -2.47 9.83 8.25
C ALA A 93 -1.44 9.99 9.35
N PHE A 94 -1.87 10.61 10.45
CA PHE A 94 -1.07 10.74 11.64
C PHE A 94 -1.67 9.91 12.77
N PRO A 95 -0.86 9.17 13.54
CA PRO A 95 0.60 9.07 13.40
C PRO A 95 1.04 7.82 12.65
N ASN A 96 0.11 7.13 12.00
CA ASN A 96 0.42 5.85 11.39
C ASN A 96 1.30 6.01 10.15
N GLY A 97 1.03 7.02 9.34
CA GLY A 97 1.78 7.22 8.12
C GLY A 97 1.00 6.81 6.89
N PRO A 98 1.69 6.20 5.91
CA PRO A 98 1.03 5.83 4.67
C PRO A 98 0.30 4.49 4.76
N TRP A 99 -0.83 4.44 4.04
CA TRP A 99 -1.53 3.19 3.77
C TRP A 99 -1.80 3.14 2.28
N GLU A 100 -1.22 2.17 1.59
CA GLU A 100 -1.22 2.13 0.14
C GLU A 100 -1.96 0.89 -0.37
N LYS A 101 -2.73 1.08 -1.43
CA LYS A 101 -3.37 -0.01 -2.15
C LYS A 101 -3.01 0.12 -3.62
N LYS A 102 -2.56 -0.99 -4.21
CA LYS A 102 -2.15 -1.01 -5.62
C LYS A 102 -3.17 -1.80 -6.42
N ILE A 103 -3.72 -1.16 -7.46
CA ILE A 103 -4.74 -1.77 -8.32
C ILE A 103 -4.16 -1.87 -9.73
N LYS A 104 -4.16 -3.07 -10.29
CA LYS A 104 -3.70 -3.32 -11.64
C LYS A 104 -4.90 -3.45 -12.56
N VAL A 105 -4.98 -2.57 -13.56
CA VAL A 105 -6.05 -2.62 -14.55
C VAL A 105 -5.53 -3.38 -15.76
N VAL A 106 -6.22 -4.46 -16.13
CA VAL A 106 -5.84 -5.29 -17.26
C VAL A 106 -7.02 -5.37 -18.22
N TRP A 107 -6.73 -5.79 -19.45
CA TRP A 107 -7.74 -6.09 -20.43
C TRP A 107 -8.01 -7.59 -20.39
N SER A 108 -9.23 -7.97 -20.05
CA SER A 108 -9.58 -9.38 -19.92
C SER A 108 -11.08 -9.53 -20.07
N ASP A 109 -11.53 -10.77 -20.11
CA ASP A 109 -12.95 -11.08 -20.00
C ASP A 109 -13.28 -11.33 -18.53
N SER A 110 -14.46 -11.88 -18.26
CA SER A 110 -14.84 -12.20 -16.88
C SER A 110 -13.80 -13.11 -16.25
N PHE A 111 -13.27 -12.68 -15.09
CA PHE A 111 -12.26 -13.48 -14.40
C PHE A 111 -12.80 -14.81 -13.91
N GLU A 112 -14.12 -14.95 -13.80
CA GLU A 112 -14.71 -16.22 -13.35
C GLU A 112 -14.62 -17.30 -14.42
N ILE A 113 -14.42 -16.93 -15.68
CA ILE A 113 -14.32 -17.91 -16.75
C ILE A 113 -13.09 -18.80 -16.55
N ALA A 114 -11.96 -18.18 -16.23
CA ALA A 114 -10.72 -18.91 -15.99
C ALA A 114 -10.62 -19.47 -14.58
N ALA A 115 -11.69 -19.39 -13.79
CA ALA A 115 -11.71 -19.90 -12.42
C ALA A 115 -12.93 -20.78 -12.21
N PRO A 116 -12.93 -21.99 -12.77
CA PRO A 116 -14.03 -22.92 -12.48
C PRO A 116 -13.90 -23.49 -11.08
N SER A 117 -15.05 -23.69 -10.43
CA SER A 117 -15.05 -24.14 -9.04
C SER A 117 -14.58 -25.59 -8.96
N ASP A 118 -13.68 -25.85 -8.01
CA ASP A 118 -13.20 -27.20 -7.73
C ASP A 118 -13.86 -27.82 -6.50
N SER A 119 -14.58 -27.03 -5.71
CA SER A 119 -15.26 -27.52 -4.51
C SER A 119 -16.39 -26.58 -4.17
N TYR A 120 -17.45 -27.14 -3.59
CA TYR A 120 -18.62 -26.38 -3.16
C TYR A 120 -18.70 -26.44 -1.64
N LEU A 121 -18.44 -25.33 -0.98
CA LEU A 121 -18.54 -25.22 0.47
C LEU A 121 -19.64 -24.23 0.84
N SER A 122 -20.52 -24.63 1.74
CA SER A 122 -21.56 -23.75 2.26
C SER A 122 -21.50 -23.74 3.77
N ALA A 123 -22.08 -22.69 4.36
CA ALA A 123 -22.09 -22.54 5.81
C ALA A 123 -23.21 -21.56 6.18
N GLU A 124 -23.76 -21.76 7.38
CA GLU A 124 -24.83 -20.86 7.79
C GLU A 124 -24.26 -19.51 8.20
N PRO A 125 -25.06 -18.45 8.09
CA PRO A 125 -24.55 -17.10 8.40
C PRO A 125 -24.16 -16.98 9.87
N GLY A 126 -23.00 -16.39 10.11
CA GLY A 126 -22.53 -16.10 11.46
C GLY A 126 -21.42 -17.01 11.97
N GLN A 127 -20.87 -17.87 11.14
CA GLN A 127 -19.83 -18.81 11.55
C GLN A 127 -18.49 -18.44 10.93
N ASP A 128 -17.43 -18.90 11.59
CA ASP A 128 -16.06 -18.69 11.10
C ASP A 128 -15.74 -19.78 10.10
N VAL A 129 -15.82 -19.44 8.81
CA VAL A 129 -15.59 -20.41 7.74
C VAL A 129 -14.09 -20.57 7.53
N THR A 130 -13.64 -21.82 7.46
CA THR A 130 -12.24 -22.16 7.23
C THR A 130 -12.11 -22.72 5.83
N LEU A 131 -11.40 -22.01 4.96
CA LEU A 131 -11.16 -22.43 3.59
C LEU A 131 -9.80 -23.13 3.53
N THR A 132 -9.81 -24.44 3.42
CA THR A 132 -8.59 -25.23 3.35
C THR A 132 -8.21 -25.46 1.89
N CYS A 133 -6.98 -25.10 1.54
CA CYS A 133 -6.50 -25.25 0.18
C CYS A 133 -5.98 -26.67 -0.03
N GLN A 134 -6.47 -27.34 -1.07
CA GLN A 134 -6.11 -28.72 -1.37
C GLN A 134 -4.91 -28.83 -2.29
N LEU A 135 -4.03 -27.84 -2.29
CA LEU A 135 -2.80 -27.90 -3.06
C LEU A 135 -1.61 -28.12 -2.14
N TRP A 139 7.26 -28.21 -2.36
CA TRP A 139 8.20 -28.93 -3.21
C TRP A 139 7.75 -28.87 -4.66
N PRO A 140 8.19 -27.83 -5.39
CA PRO A 140 8.99 -26.71 -4.91
C PRO A 140 8.17 -25.44 -4.77
N VAL A 141 6.98 -25.54 -4.15
CA VAL A 141 6.09 -24.40 -4.03
C VAL A 141 6.80 -23.25 -3.32
N GLN A 142 6.66 -22.05 -3.86
CA GLN A 142 7.30 -20.86 -3.31
C GLN A 142 6.30 -19.90 -2.69
N GLN A 143 5.29 -19.47 -3.44
CA GLN A 143 4.36 -18.44 -3.00
C GLN A 143 2.94 -18.96 -3.07
N VAL A 144 2.15 -18.66 -2.03
CA VAL A 144 0.76 -19.06 -1.95
C VAL A 144 -0.09 -17.81 -1.83
N ILE A 145 -1.19 -17.75 -2.60
CA ILE A 145 -2.04 -16.58 -2.68
C ILE A 145 -3.49 -17.02 -2.51
N TRP A 146 -4.21 -16.36 -1.60
CA TRP A 146 -5.65 -16.48 -1.51
C TRP A 146 -6.28 -15.22 -2.11
N GLU A 147 -7.25 -15.41 -3.00
CA GLU A 147 -7.88 -14.28 -3.65
C GLU A 147 -9.35 -14.60 -3.91
N LYS A 148 -10.17 -13.56 -3.91
CA LYS A 148 -11.59 -13.70 -4.23
C LYS A 148 -11.79 -13.25 -5.67
N VAL A 149 -12.39 -14.13 -6.49
CA VAL A 149 -12.50 -13.91 -7.93
C VAL A 149 -13.92 -13.46 -8.24
N GLN A 150 -14.05 -12.31 -8.86
CA GLN A 150 -15.29 -11.78 -9.38
C GLN A 150 -15.16 -11.54 -10.87
N PRO A 151 -16.28 -11.41 -11.59
CA PRO A 151 -16.19 -11.13 -13.04
C PRO A 151 -15.45 -9.84 -13.35
N HIS A 152 -15.56 -8.83 -12.49
CA HIS A 152 -14.96 -7.53 -12.76
C HIS A 152 -13.65 -7.28 -12.05
N GLN A 153 -13.34 -8.02 -10.98
CA GLN A 153 -12.10 -7.77 -10.26
C GLN A 153 -11.69 -9.00 -9.46
N VAL A 154 -10.41 -9.02 -9.08
CA VAL A 154 -9.82 -10.07 -8.26
C VAL A 154 -9.10 -9.41 -7.10
N ASP A 155 -9.51 -9.72 -5.87
CA ASP A 155 -8.95 -9.13 -4.67
C ASP A 155 -8.07 -10.14 -3.94
N ILE A 156 -6.85 -9.74 -3.62
CA ILE A 156 -5.94 -10.60 -2.87
C ILE A 156 -6.29 -10.52 -1.38
N LEU A 157 -6.63 -11.66 -0.80
CA LEU A 157 -6.96 -11.72 0.62
C LEU A 157 -5.79 -12.12 1.50
N ALA A 158 -4.84 -12.88 0.95
CA ALA A 158 -3.69 -13.35 1.72
C ALA A 158 -2.59 -13.74 0.74
N SER A 159 -1.35 -13.45 1.12
CA SER A 159 -0.17 -13.80 0.31
C SER A 159 0.89 -14.31 1.27
N CYS A 160 1.10 -15.62 1.28
CA CYS A 160 2.08 -16.23 2.16
C CYS A 160 3.33 -16.63 1.39
N ASN A 161 4.46 -16.63 2.09
CA ASN A 161 5.76 -16.91 1.51
C ASN A 161 6.72 -17.26 2.64
N LEU A 162 7.63 -18.19 2.36
CA LEU A 162 8.56 -18.69 3.37
C LEU A 162 9.95 -18.09 3.24
N SER A 163 10.58 -18.24 2.07
CA SER A 163 11.99 -17.91 1.94
C SER A 163 12.21 -16.44 1.60
N GLN A 164 11.48 -15.92 0.61
CA GLN A 164 11.72 -14.57 0.10
C GLN A 164 11.15 -13.54 1.07
N GLU A 165 11.18 -12.27 0.67
CA GLU A 165 10.82 -11.15 1.54
C GLU A 165 9.38 -10.74 1.26
N THR A 166 8.50 -11.01 2.24
CA THR A 166 7.15 -10.45 2.28
C THR A 166 6.50 -10.71 3.64
N ARG A 167 5.98 -9.66 4.26
CA ARG A 167 4.98 -9.78 5.32
C ARG A 167 3.76 -9.06 4.77
N TYR A 168 2.97 -9.77 3.98
CA TYR A 168 1.95 -9.13 3.16
C TYR A 168 0.76 -8.74 4.02
N THR A 169 0.40 -7.46 3.98
CA THR A 169 -0.80 -6.94 4.66
C THR A 169 -1.92 -6.82 3.63
N SER A 170 -3.00 -7.56 3.83
CA SER A 170 -4.11 -7.51 2.91
C SER A 170 -4.81 -6.16 2.99
N LYS A 171 -4.99 -5.54 1.83
CA LYS A 171 -5.74 -4.28 1.73
C LYS A 171 -7.21 -4.53 1.50
N TYR A 172 -7.65 -5.79 1.49
CA TYR A 172 -9.06 -6.10 1.41
C TYR A 172 -9.79 -5.56 2.65
N LEU A 173 -10.94 -4.93 2.41
CA LEU A 173 -11.64 -4.26 3.50
C LEU A 173 -12.20 -5.25 4.52
N ARG A 174 -12.76 -6.36 4.05
CA ARG A 174 -13.36 -7.34 4.94
C ARG A 174 -12.28 -8.11 5.70
N GLN A 175 -12.51 -8.29 7.00
CA GLN A 175 -11.52 -8.92 7.87
C GLN A 175 -11.44 -10.42 7.61
N THR A 176 -10.25 -10.89 7.28
CA THR A 176 -9.98 -12.32 7.14
C THR A 176 -8.71 -12.67 7.91
N ARG A 177 -8.61 -13.94 8.30
CA ARG A 177 -7.49 -14.45 9.08
C ARG A 177 -6.65 -15.39 8.22
N SER A 178 -5.40 -15.03 8.02
CA SER A 178 -4.46 -15.82 7.23
C SER A 178 -3.41 -16.43 8.14
N ASN A 179 -2.77 -17.50 7.64
CA ASN A 179 -1.67 -18.14 8.36
C ASN A 179 -0.54 -18.38 7.37
N CYS A 180 0.61 -17.75 7.63
CA CYS A 180 1.81 -18.01 6.82
C CYS A 180 2.73 -18.92 7.62
N SER A 181 2.36 -20.20 7.64
CA SER A 181 3.11 -21.19 8.39
C SER A 181 4.45 -21.47 7.71
N GLN A 182 5.26 -22.27 8.39
CA GLN A 182 6.58 -22.64 7.89
C GLN A 182 6.70 -24.10 7.52
N GLY A 183 6.02 -24.99 8.24
CA GLY A 183 5.84 -26.34 7.76
C GLY A 183 4.90 -26.31 6.58
N SER A 184 5.35 -26.81 5.43
CA SER A 184 4.50 -26.76 4.23
C SER A 184 3.25 -27.60 4.48
N MET A 185 2.14 -26.91 4.70
CA MET A 185 0.94 -27.55 5.24
C MET A 185 -0.29 -27.17 4.41
N LYS A 186 -1.47 -27.53 4.91
CA LYS A 186 -2.71 -27.14 4.27
C LYS A 186 -2.93 -25.65 4.51
N SER A 187 -2.66 -24.83 3.50
CA SER A 187 -2.92 -23.40 3.61
C SER A 187 -4.40 -23.15 3.82
N ILE A 188 -4.74 -22.51 4.93
CA ILE A 188 -6.14 -22.23 5.26
C ILE A 188 -6.37 -20.74 5.29
N LEU A 189 -7.60 -20.34 4.97
CA LEU A 189 -8.04 -18.95 5.07
C LEU A 189 -9.33 -18.94 5.87
N ILE A 190 -9.36 -18.13 6.92
CA ILE A 190 -10.48 -18.08 7.84
C ILE A 190 -11.28 -16.81 7.58
N ILE A 191 -12.58 -16.96 7.37
CA ILE A 191 -13.49 -15.83 7.25
C ILE A 191 -14.27 -15.72 8.56
N PRO A 192 -13.84 -14.88 9.49
CA PRO A 192 -14.54 -14.80 10.78
C PRO A 192 -15.93 -14.18 10.63
N ASN A 193 -16.92 -14.85 11.20
CA ASN A 193 -18.31 -14.37 11.19
C ASN A 193 -18.79 -14.10 9.77
N ALA A 194 -18.71 -15.14 8.94
CA ALA A 194 -19.04 -14.99 7.53
C ALA A 194 -20.52 -14.70 7.34
N MET A 195 -20.81 -13.80 6.41
CA MET A 195 -22.17 -13.40 6.08
C MET A 195 -22.46 -13.72 4.61
N ALA A 196 -23.65 -13.31 4.17
CA ALA A 196 -24.04 -13.58 2.79
C ALA A 196 -23.16 -12.84 1.79
N ALA A 197 -22.59 -11.71 2.19
CA ALA A 197 -21.72 -10.96 1.30
C ALA A 197 -20.41 -11.67 1.03
N ASP A 198 -19.99 -12.58 1.92
CA ASP A 198 -18.74 -13.31 1.74
C ASP A 198 -18.86 -14.43 0.72
N SER A 199 -20.06 -14.70 0.21
CA SER A 199 -20.24 -15.70 -0.82
C SER A 199 -19.49 -15.30 -2.10
N GLY A 200 -19.04 -16.30 -2.84
CA GLY A 200 -18.34 -16.07 -4.08
C GLY A 200 -17.26 -17.10 -4.29
N LEU A 201 -16.31 -16.78 -5.17
CA LEU A 201 -15.22 -17.67 -5.54
C LEU A 201 -13.95 -17.28 -4.79
N TYR A 202 -13.32 -18.26 -4.16
CA TYR A 202 -12.05 -18.06 -3.47
C TYR A 202 -11.02 -19.00 -4.10
N ARG A 203 -9.95 -18.42 -4.63
CA ARG A 203 -8.95 -19.18 -5.35
C ARG A 203 -7.65 -19.24 -4.57
N CYS A 204 -7.09 -20.44 -4.45
N CYS A 204 -7.10 -20.44 -4.43
CA CYS A 204 -5.80 -20.67 -3.82
CA CYS A 204 -5.80 -20.66 -3.81
C CYS A 204 -4.76 -20.86 -4.91
C CYS A 204 -4.78 -20.85 -4.93
N ARG A 205 -3.86 -19.90 -5.05
CA ARG A 205 -2.83 -19.91 -6.10
C ARG A 205 -1.48 -20.22 -5.48
N SER A 206 -0.88 -21.34 -5.86
CA SER A 206 0.47 -21.70 -5.47
C SER A 206 1.41 -21.48 -6.66
N GLU A 207 2.53 -20.82 -6.41
CA GLU A 207 3.51 -20.52 -7.45
C GLU A 207 4.85 -21.12 -7.06
N ALA A 208 5.34 -22.05 -7.86
CA ALA A 208 6.61 -22.69 -7.59
C ALA A 208 7.75 -21.92 -8.24
N ILE A 209 8.98 -22.34 -7.93
CA ILE A 209 10.16 -21.65 -8.47
C ILE A 209 10.35 -21.97 -9.95
N THR A 210 9.88 -23.14 -10.40
CA THR A 210 9.97 -23.49 -11.81
C THR A 210 9.22 -22.50 -12.69
N GLY A 211 8.30 -21.73 -12.12
CA GLY A 211 7.34 -20.96 -12.88
C GLY A 211 5.98 -21.61 -12.96
N LYS A 212 5.89 -22.88 -12.57
CA LYS A 212 4.61 -23.57 -12.51
C LYS A 212 3.69 -22.88 -11.52
N ASN A 213 2.41 -22.82 -11.87
CA ASN A 213 1.38 -22.30 -10.98
C ASN A 213 0.17 -23.22 -11.04
N LYS A 214 -0.40 -23.51 -9.87
CA LYS A 214 -1.57 -24.35 -9.76
C LYS A 214 -2.63 -23.62 -8.96
N SER A 215 -3.89 -23.79 -9.36
CA SER A 215 -5.01 -23.09 -8.75
C SER A 215 -6.03 -24.08 -8.22
N PHE A 216 -6.59 -23.76 -7.05
CA PHE A 216 -7.69 -24.51 -6.46
C PHE A 216 -8.78 -23.52 -6.07
N VAL A 217 -9.96 -23.69 -6.65
CA VAL A 217 -11.04 -22.72 -6.53
C VAL A 217 -12.16 -23.31 -5.67
N ILE A 218 -12.55 -22.57 -4.64
CA ILE A 218 -13.66 -22.95 -3.77
C ILE A 218 -14.77 -21.93 -3.96
N ARG A 219 -15.98 -22.42 -4.21
CA ARG A 219 -17.17 -21.57 -4.27
C ARG A 219 -17.86 -21.60 -2.91
N LEU A 220 -17.88 -20.46 -2.24
CA LEU A 220 -18.50 -20.32 -0.93
C LEU A 220 -19.91 -19.77 -1.08
N ILE A 221 -20.86 -20.40 -0.40
CA ILE A 221 -22.27 -20.00 -0.46
C ILE A 221 -22.77 -19.84 0.97
N ILE A 222 -23.24 -18.64 1.29
CA ILE A 222 -23.81 -18.33 2.61
C ILE A 222 -25.25 -17.90 2.37
N THR A 223 -26.19 -18.81 2.60
CA THR A 223 -27.61 -18.52 2.38
C THR A 223 -28.12 -17.56 3.45
N ASP B 1 8.77 21.53 -10.67
CA ASP B 1 8.40 20.37 -9.86
C ASP B 1 9.11 20.44 -8.51
N VAL B 2 8.62 19.64 -7.57
CA VAL B 2 9.16 19.56 -6.21
C VAL B 2 9.93 18.25 -6.09
N VAL B 3 11.18 18.35 -5.63
CA VAL B 3 12.09 17.21 -5.64
C VAL B 3 12.76 17.07 -4.27
N VAL B 4 12.87 15.83 -3.80
CA VAL B 4 13.50 15.52 -2.52
C VAL B 4 14.99 15.31 -2.73
N GLN B 5 15.79 16.03 -1.95
CA GLN B 5 17.25 15.96 -2.02
C GLN B 5 17.79 15.18 -0.83
N ALA B 6 18.63 14.19 -1.11
CA ALA B 6 19.25 13.38 -0.06
C ALA B 6 20.42 12.62 -0.67
N PRO B 7 21.44 12.30 0.13
CA PRO B 7 22.51 11.45 -0.38
C PRO B 7 22.03 10.01 -0.54
N THR B 8 22.80 9.24 -1.32
CA THR B 8 22.46 7.85 -1.53
C THR B 8 22.84 7.00 -0.34
N GLN B 9 23.96 7.32 0.31
CA GLN B 9 24.47 6.54 1.43
C GLN B 9 24.79 7.45 2.60
N VAL B 10 24.57 6.93 3.80
CA VAL B 10 24.97 7.61 5.03
C VAL B 10 25.75 6.62 5.89
N PRO B 11 27.06 6.81 6.05
CA PRO B 11 27.84 5.90 6.90
C PRO B 11 27.81 6.32 8.37
N GLY B 12 27.81 5.31 9.23
CA GLY B 12 27.86 5.54 10.66
C GLY B 12 28.51 4.36 11.36
N PHE B 13 29.12 4.63 12.50
CA PHE B 13 29.84 3.59 13.24
C PHE B 13 28.94 2.97 14.30
N LEU B 14 29.28 1.74 14.66
CA LEU B 14 28.52 0.99 15.66
C LEU B 14 28.59 1.71 17.00
N GLY B 15 27.41 2.02 17.56
CA GLY B 15 27.31 2.71 18.83
C GLY B 15 27.21 4.22 18.74
N ASP B 16 27.56 4.81 17.59
CA ASP B 16 27.48 6.25 17.42
C ASP B 16 26.06 6.67 17.02
N SER B 17 25.86 7.98 16.99
CA SER B 17 24.61 8.57 16.49
C SER B 17 24.89 9.20 15.13
N VAL B 18 23.99 8.95 14.18
CA VAL B 18 24.14 9.48 12.83
C VAL B 18 22.85 10.17 12.43
N THR B 19 22.97 11.12 11.51
CA THR B 19 21.85 11.90 11.02
C THR B 19 21.67 11.65 9.53
N LEU B 20 20.45 11.25 9.13
CA LEU B 20 20.13 11.00 7.74
C LEU B 20 19.54 12.27 7.13
N PRO B 21 20.30 13.01 6.32
CA PRO B 21 19.78 14.26 5.78
C PRO B 21 18.78 14.01 4.66
N CYS B 22 17.73 14.84 4.65
CA CYS B 22 16.68 14.72 3.64
C CYS B 22 15.94 16.06 3.57
N TYR B 23 16.02 16.73 2.42
CA TYR B 23 15.48 18.06 2.28
C TYR B 23 14.59 18.12 1.03
N LEU B 24 13.61 19.01 1.07
CA LEU B 24 12.69 19.22 -0.04
C LEU B 24 13.11 20.45 -0.82
N GLN B 25 13.45 20.25 -2.10
CA GLN B 25 13.82 21.35 -2.97
C GLN B 25 12.59 21.78 -3.76
N VAL B 26 12.18 23.03 -3.59
CA VAL B 26 11.04 23.57 -4.33
C VAL B 26 11.49 24.86 -5.02
N PRO B 27 11.15 25.07 -6.30
CA PRO B 27 11.57 26.29 -6.98
C PRO B 27 10.99 27.53 -6.32
N ASN B 28 11.73 28.65 -6.47
CA ASN B 28 11.38 29.86 -5.74
C ASN B 28 10.00 30.38 -6.09
N MET B 29 9.53 30.15 -7.32
CA MET B 29 8.24 30.66 -7.77
C MET B 29 7.12 29.64 -7.66
N GLU B 30 7.42 28.39 -7.29
CA GLU B 30 6.41 27.34 -7.24
C GLU B 30 5.82 27.24 -5.83
N VAL B 31 4.49 27.15 -5.77
CA VAL B 31 3.77 27.09 -4.50
C VAL B 31 3.50 25.64 -4.15
N THR B 32 3.77 25.28 -2.89
CA THR B 32 3.48 23.93 -2.41
C THR B 32 3.16 24.00 -0.92
N HIS B 33 2.37 23.04 -0.47
CA HIS B 33 2.03 22.91 0.95
C HIS B 33 2.40 21.51 1.42
N VAL B 34 3.36 21.43 2.34
CA VAL B 34 3.81 20.16 2.89
C VAL B 34 3.02 19.89 4.17
N SER B 35 2.24 18.81 4.17
CA SER B 35 1.41 18.47 5.32
C SER B 35 2.17 17.67 6.38
N GLN B 36 2.96 16.68 5.96
CA GLN B 36 3.69 15.90 6.95
C GLN B 36 4.88 15.21 6.29
N LEU B 37 5.84 14.84 7.13
CA LEU B 37 7.03 14.10 6.72
C LEU B 37 6.95 12.70 7.29
N THR B 38 7.53 11.74 6.57
CA THR B 38 7.44 10.35 6.97
C THR B 38 8.73 9.61 6.64
N TRP B 39 9.27 8.91 7.62
CA TRP B 39 10.39 7.99 7.43
C TRP B 39 9.87 6.56 7.55
N ALA B 40 10.32 5.70 6.63
CA ALA B 40 9.96 4.30 6.66
C ALA B 40 11.19 3.47 6.32
N ARG B 41 11.31 2.31 6.98
CA ARG B 41 12.38 1.39 6.67
C ARG B 41 11.98 0.49 5.52
N HIS B 42 12.85 0.38 4.52
CA HIS B 42 12.57 -0.45 3.36
C HIS B 42 12.41 -1.91 3.76
N GLY B 43 11.19 -2.43 3.67
CA GLY B 43 10.91 -3.81 4.04
C GLY B 43 10.08 -4.00 5.30
N GLU B 44 9.58 -2.94 5.91
CA GLU B 44 8.74 -3.02 7.10
C GLU B 44 7.29 -2.73 6.74
N SER B 45 6.43 -2.86 7.75
CA SER B 45 4.99 -2.69 7.54
C SER B 45 4.62 -1.21 7.48
N GLY B 46 4.87 -0.47 8.55
CA GLY B 46 4.52 0.94 8.60
C GLY B 46 5.71 1.85 8.75
N SER B 47 5.45 3.12 9.06
CA SER B 47 6.49 4.12 9.21
C SER B 47 7.12 4.08 10.60
N MET B 48 8.35 4.57 10.69
CA MET B 48 9.06 4.64 11.96
C MET B 48 9.14 6.05 12.53
N ALA B 49 8.89 7.07 11.72
CA ALA B 49 8.95 8.45 12.19
C ALA B 49 8.04 9.30 11.32
N VAL B 50 7.18 10.10 11.94
CA VAL B 50 6.25 10.97 11.24
C VAL B 50 6.25 12.32 11.93
N PHE B 51 6.25 13.39 11.15
CA PHE B 51 6.10 14.75 11.67
C PHE B 51 4.97 15.43 10.93
N HIS B 52 3.92 15.78 11.65
CA HIS B 52 2.74 16.42 11.09
C HIS B 52 2.79 17.93 11.34
N GLN B 53 2.23 18.69 10.40
CA GLN B 53 2.35 20.14 10.44
C GLN B 53 1.76 20.74 11.71
N THR B 54 0.76 20.09 12.29
CA THR B 54 0.13 20.56 13.52
C THR B 54 0.27 19.60 14.69
N GLN B 55 0.34 18.30 14.44
CA GLN B 55 0.38 17.32 15.51
C GLN B 55 1.77 17.11 16.08
N GLY B 56 2.82 17.50 15.35
CA GLY B 56 4.17 17.35 15.83
C GLY B 56 4.76 15.99 15.49
N PRO B 57 5.81 15.61 16.21
CA PRO B 57 6.52 14.36 15.88
C PRO B 57 5.88 13.12 16.49
N SER B 58 6.16 11.99 15.87
CA SER B 58 5.75 10.68 16.36
C SER B 58 6.75 9.64 15.88
N TYR B 59 7.22 8.79 16.79
CA TYR B 59 8.25 7.81 16.47
C TYR B 59 7.80 6.43 16.92
N SER B 60 8.25 5.40 16.20
CA SER B 60 7.99 4.03 16.62
C SER B 60 8.54 3.78 18.02
N GLU B 61 9.73 4.33 18.31
CA GLU B 61 10.29 4.37 19.65
C GLU B 61 10.94 5.74 19.83
N SER B 62 10.41 6.54 20.75
CA SER B 62 10.81 7.94 20.85
C SER B 62 12.27 8.12 21.26
N LYS B 63 12.87 7.11 21.90
CA LYS B 63 14.22 7.26 22.42
C LYS B 63 15.29 7.17 21.33
N ARG B 64 15.00 6.55 20.19
CA ARG B 64 16.01 6.26 19.19
C ARG B 64 16.03 7.22 18.01
N LEU B 65 14.96 8.00 17.80
CA LEU B 65 14.84 8.84 16.62
C LEU B 65 14.47 10.26 17.03
N GLU B 66 14.85 11.22 16.17
CA GLU B 66 14.53 12.62 16.43
C GLU B 66 14.63 13.41 15.14
N PHE B 67 13.56 14.13 14.79
CA PHE B 67 13.62 15.10 13.70
C PHE B 67 14.45 16.29 14.15
N VAL B 68 15.61 16.48 13.53
CA VAL B 68 16.55 17.51 13.99
C VAL B 68 16.27 18.88 13.39
N ALA B 69 15.44 18.97 12.34
CA ALA B 69 15.19 20.24 11.67
C ALA B 69 13.72 20.58 11.52
N ALA B 70 12.81 19.63 11.73
CA ALA B 70 11.39 19.93 11.64
C ALA B 70 10.91 20.59 12.93
N ARG B 71 10.04 21.58 12.77
CA ARG B 71 9.57 22.38 13.90
C ARG B 71 8.18 22.91 13.59
N LEU B 72 7.30 22.88 14.59
CA LEU B 72 5.97 23.45 14.44
C LEU B 72 6.06 24.94 14.17
N GLY B 73 5.11 25.45 13.40
CA GLY B 73 5.08 26.86 13.07
C GLY B 73 6.08 27.29 12.02
N ALA B 74 6.62 26.35 11.24
CA ALA B 74 7.57 26.66 10.19
C ALA B 74 7.32 25.75 9.01
N GLU B 75 7.81 26.19 7.84
CA GLU B 75 7.67 25.39 6.62
C GLU B 75 8.35 24.05 6.79
N LEU B 76 7.60 22.97 6.55
CA LEU B 76 8.17 21.63 6.57
C LEU B 76 9.00 21.45 5.31
N ARG B 77 10.33 21.55 5.43
CA ARG B 77 11.20 21.44 4.28
C ARG B 77 12.36 20.48 4.52
N ASN B 78 12.73 20.28 5.78
CA ASN B 78 13.88 19.47 6.15
C ASN B 78 13.42 18.33 7.05
N ALA B 79 13.47 17.10 6.53
CA ALA B 79 13.03 15.91 7.25
C ALA B 79 14.19 15.13 7.85
N SER B 80 15.36 15.76 8.00
CA SER B 80 16.54 15.07 8.50
C SER B 80 16.27 14.43 9.85
N LEU B 81 16.67 13.15 9.98
CA LEU B 81 16.37 12.34 11.14
C LEU B 81 17.66 11.79 11.73
N ARG B 82 17.82 11.90 13.04
CA ARG B 82 18.99 11.39 13.73
C ARG B 82 18.64 10.06 14.41
N MET B 83 19.51 9.08 14.23
CA MET B 83 19.36 7.77 14.86
C MET B 83 20.44 7.61 15.92
N PHE B 84 20.02 7.24 17.12
CA PHE B 84 20.94 7.07 18.25
C PHE B 84 21.28 5.60 18.45
N GLY B 85 22.51 5.35 18.89
CA GLY B 85 22.95 4.00 19.21
C GLY B 85 22.83 3.03 18.06
N LEU B 86 23.60 3.24 17.00
CA LEU B 86 23.52 2.38 15.83
C LEU B 86 23.91 0.94 16.17
N ARG B 87 23.05 0.01 15.78
CA ARG B 87 23.35 -1.42 15.87
C ARG B 87 23.34 -2.02 14.47
N VAL B 88 23.83 -3.25 14.37
CA VAL B 88 24.01 -3.87 13.06
C VAL B 88 22.68 -4.05 12.35
N GLU B 89 21.59 -4.22 13.10
CA GLU B 89 20.27 -4.41 12.48
C GLU B 89 19.71 -3.13 11.91
N ASP B 90 20.30 -1.97 12.20
CA ASP B 90 19.89 -0.72 11.59
C ASP B 90 20.37 -0.58 10.14
N GLU B 91 21.25 -1.47 9.70
CA GLU B 91 21.72 -1.45 8.32
C GLU B 91 20.55 -1.72 7.37
N GLY B 92 20.46 -0.93 6.32
CA GLY B 92 19.43 -1.13 5.32
C GLY B 92 19.09 0.19 4.64
N ASN B 93 18.04 0.13 3.83
CA ASN B 93 17.56 1.29 3.10
C ASN B 93 16.36 1.90 3.82
N TYR B 94 16.27 3.23 3.79
CA TYR B 94 15.21 3.97 4.45
C TYR B 94 14.57 4.92 3.46
N THR B 95 13.25 5.09 3.57
CA THR B 95 12.50 5.96 2.66
C THR B 95 12.14 7.25 3.40
N CYS B 96 12.54 8.38 2.82
CA CYS B 96 12.16 9.70 3.29
C CYS B 96 11.10 10.26 2.35
N LEU B 97 9.93 10.57 2.89
CA LEU B 97 8.79 10.95 2.07
C LEU B 97 8.22 12.29 2.54
N PHE B 98 7.90 13.14 1.57
CA PHE B 98 7.22 14.41 1.80
C PHE B 98 5.80 14.34 1.24
N VAL B 99 4.83 14.75 2.03
CA VAL B 99 3.43 14.83 1.60
C VAL B 99 3.14 16.27 1.23
N THR B 100 3.04 16.56 -0.07
CA THR B 100 2.88 17.92 -0.56
C THR B 100 1.57 18.06 -1.33
N PHE B 101 1.08 19.30 -1.39
CA PHE B 101 -0.10 19.64 -2.15
C PHE B 101 0.17 20.88 -2.99
N PRO B 102 -0.27 20.89 -4.27
CA PRO B 102 -1.01 19.80 -4.92
C PRO B 102 -0.14 18.83 -5.70
N GLN B 103 1.19 18.91 -5.50
CA GLN B 103 2.09 18.08 -6.30
C GLN B 103 2.01 16.61 -5.92
N GLY B 104 1.64 16.31 -4.68
CA GLY B 104 1.57 14.94 -4.22
C GLY B 104 2.75 14.56 -3.35
N SER B 105 2.97 13.25 -3.25
CA SER B 105 4.04 12.72 -2.42
C SER B 105 5.33 12.57 -3.23
N ARG B 106 6.45 12.93 -2.60
CA ARG B 106 7.78 12.76 -3.18
C ARG B 106 8.65 12.03 -2.17
N SER B 107 9.32 10.97 -2.61
CA SER B 107 10.12 10.16 -1.71
C SER B 107 11.48 9.86 -2.32
N VAL B 108 12.40 9.43 -1.46
CA VAL B 108 13.75 9.04 -1.86
C VAL B 108 14.22 7.96 -0.89
N ASP B 109 15.13 7.12 -1.36
CA ASP B 109 15.68 6.03 -0.56
C ASP B 109 17.12 6.34 -0.17
N ILE B 110 17.45 6.07 1.09
CA ILE B 110 18.78 6.35 1.63
C ILE B 110 19.32 5.06 2.25
N TRP B 111 20.54 4.69 1.87
CA TRP B 111 21.21 3.50 2.39
C TRP B 111 21.98 3.88 3.66
N LEU B 112 21.48 3.45 4.80
CA LEU B 112 22.21 3.62 6.05
C LEU B 112 23.19 2.46 6.22
N ARG B 113 24.48 2.79 6.33
CA ARG B 113 25.54 1.79 6.42
C ARG B 113 26.21 1.90 7.78
N VAL B 114 26.11 0.83 8.57
CA VAL B 114 26.70 0.78 9.90
C VAL B 114 28.08 0.12 9.79
N LEU B 115 29.11 0.82 10.24
CA LEU B 115 30.48 0.36 10.13
C LEU B 115 30.98 -0.21 11.45
N ALA B 116 31.90 -1.18 11.34
CA ALA B 116 32.48 -1.82 12.51
C ALA B 116 33.69 -1.03 13.01
N LYS B 117 34.24 -1.49 14.13
CA LYS B 117 35.35 -0.84 14.79
C LYS B 117 36.68 -1.36 14.24
N PRO B 118 37.79 -0.62 14.46
CA PRO B 118 39.09 -1.06 13.92
C PRO B 118 39.59 -2.38 14.51
C1 NAG C . 18.70 19.96 6.52
C2 NAG C . 19.69 21.02 6.03
C3 NAG C . 21.12 20.49 6.11
C4 NAG C . 21.42 19.98 7.51
C5 NAG C . 20.39 18.93 7.90
C6 NAG C . 20.56 18.42 9.31
C7 NAG C . 18.94 22.65 4.35
C8 NAG C . 18.70 22.91 2.90
N2 NAG C . 19.39 21.45 4.66
O3 NAG C . 22.03 21.54 5.77
O4 NAG C . 22.72 19.39 7.55
O5 NAG C . 19.07 19.52 7.83
O6 NAG C . 21.32 19.32 10.10
O7 NAG C . 18.73 23.51 5.21
#